data_6OG4
#
_entry.id   6OG4
#
_cell.length_a   52.599
_cell.length_b   52.599
_cell.length_c   198.250
_cell.angle_alpha   90.000
_cell.angle_beta   90.000
_cell.angle_gamma   90.000
#
_symmetry.space_group_name_H-M   'P 43 21 2'
#
loop_
_entity.id
_entity.type
_entity.pdbx_description
1 polymer Plasminogen
2 polymer 'Plasminogen-binding group A streptococcal M-like protein PAM'
3 non-polymer 'SULFATE ION'
4 water water
#
loop_
_entity_poly.entity_id
_entity_poly.type
_entity_poly.pdbx_seq_one_letter_code
_entity_poly.pdbx_strand_id
1 'polypeptide(L)'
;AAQPAEECMHASGENYDGKISKTMSGLECQAWDSQSPHAHGYIPSKFPNKNLKKNYCRNPDRELRPWCFTTDPNKRWELC
DIPRCTT
;
A,B
2 'polypeptide(L)' GSEELQGLKDDVEKLTADAELQRLKNERHEEAELERLKSERHDHDKKEAERKALEDKLADKQEHLNGALRYINEKEA C
#
# COMPACT_ATOMS: atom_id res chain seq x y z
N PRO A 4 2.66 -18.27 30.06
CA PRO A 4 2.63 -17.71 28.70
C PRO A 4 1.27 -17.15 28.34
N ALA A 5 1.22 -16.11 27.52
CA ALA A 5 -0.05 -15.60 27.04
C ALA A 5 -0.75 -16.65 26.19
N GLU A 6 -2.08 -16.65 26.23
CA GLU A 6 -2.81 -17.57 25.38
C GLU A 6 -2.59 -17.20 23.91
N GLU A 7 -2.47 -18.23 23.07
CA GLU A 7 -2.15 -18.05 21.67
C GLU A 7 -3.41 -18.14 20.81
N CYS A 8 -4.39 -17.34 21.18
CA CYS A 8 -5.67 -17.29 20.49
C CYS A 8 -6.32 -15.95 20.80
N MET A 9 -7.40 -15.65 20.09
CA MET A 9 -8.16 -14.44 20.34
C MET A 9 -9.62 -14.79 20.63
N HIS A 10 -10.18 -14.11 21.64
CA HIS A 10 -11.59 -14.26 21.96
C HIS A 10 -12.48 -13.41 21.09
N ALA A 11 -11.94 -12.33 20.51
CA ALA A 11 -12.69 -11.44 19.64
C ALA A 11 -11.91 -11.20 18.36
N SER A 12 -11.27 -10.03 18.24
CA SER A 12 -10.45 -9.74 17.08
C SER A 12 -8.99 -9.49 17.45
N GLY A 13 -8.58 -9.82 18.67
CA GLY A 13 -7.18 -9.74 19.04
C GLY A 13 -6.76 -8.47 19.74
N GLU A 14 -7.70 -7.64 20.20
CA GLU A 14 -7.33 -6.46 20.97
C GLU A 14 -6.42 -6.80 22.13
N ASN A 15 -6.68 -7.94 22.79
CA ASN A 15 -5.87 -8.33 23.94
C ASN A 15 -4.85 -9.39 23.61
N TYR A 16 -4.65 -9.69 22.32
CA TYR A 16 -3.65 -10.70 21.97
C TYR A 16 -2.26 -10.22 22.36
N ASP A 17 -1.55 -11.06 23.14
CA ASP A 17 -0.23 -10.72 23.67
C ASP A 17 0.75 -11.87 23.50
N GLY A 18 0.49 -12.75 22.55
CA GLY A 18 1.34 -13.89 22.31
C GLY A 18 2.55 -13.58 21.47
N LYS A 19 3.20 -14.65 21.00
CA LYS A 19 4.52 -14.55 20.38
C LYS A 19 4.53 -15.03 18.94
N ILE A 20 3.37 -15.16 18.29
CA ILE A 20 3.36 -15.51 16.87
C ILE A 20 3.92 -14.34 16.08
N SER A 21 4.89 -14.62 15.20
CA SER A 21 5.66 -13.56 14.55
C SER A 21 5.79 -13.81 13.05
N LYS A 22 4.82 -14.50 12.48
CA LYS A 22 4.76 -14.73 11.04
C LYS A 22 3.35 -14.38 10.57
N THR A 23 3.26 -13.92 9.33
CA THR A 23 1.98 -13.54 8.78
C THR A 23 1.24 -14.78 8.26
N MET A 24 0.00 -14.57 7.82
CA MET A 24 -0.78 -15.68 7.29
C MET A 24 -0.12 -16.32 6.09
N SER A 25 0.69 -15.57 5.33
CA SER A 25 1.38 -16.14 4.18
C SER A 25 2.76 -16.71 4.53
N GLY A 26 3.17 -16.63 5.80
CA GLY A 26 4.43 -17.17 6.24
C GLY A 26 5.59 -16.19 6.28
N LEU A 27 5.35 -14.91 5.98
CA LEU A 27 6.41 -13.90 6.01
C LEU A 27 6.80 -13.58 7.44
N GLU A 28 8.09 -13.42 7.69
CA GLU A 28 8.54 -13.00 9.01
C GLU A 28 8.12 -11.55 9.27
N CYS A 29 7.64 -11.28 10.49
CA CYS A 29 7.27 -9.92 10.84
C CYS A 29 8.50 -9.05 11.03
N GLN A 30 8.39 -7.80 10.59
CA GLN A 30 9.34 -6.75 10.95
C GLN A 30 9.15 -6.37 12.43
N ALA A 31 10.25 -6.09 13.11
CA ALA A 31 10.17 -5.62 14.48
C ALA A 31 9.49 -4.25 14.54
N TRP A 32 8.60 -4.08 15.53
CA TRP A 32 7.91 -2.80 15.68
C TRP A 32 8.89 -1.64 15.91
N ASP A 33 10.01 -1.89 16.61
CA ASP A 33 10.98 -0.83 16.86
C ASP A 33 11.96 -0.62 15.69
N SER A 34 11.68 -1.23 14.54
CA SER A 34 12.47 -1.02 13.34
C SER A 34 11.67 -0.24 12.32
N GLN A 35 12.37 0.63 11.58
CA GLN A 35 11.77 1.38 10.49
C GLN A 35 12.22 0.86 9.13
N SER A 36 12.77 -0.36 9.10
CA SER A 36 13.31 -0.95 7.87
C SER A 36 12.86 -2.41 7.80
N PRO A 37 12.38 -2.88 6.63
CA PRO A 37 12.30 -2.12 5.37
C PRO A 37 11.16 -1.10 5.28
N HIS A 38 10.19 -1.13 6.20
CA HIS A 38 9.03 -0.26 6.13
C HIS A 38 9.07 0.79 7.22
N ALA A 39 9.07 2.05 6.82
CA ALA A 39 8.85 3.15 7.75
C ALA A 39 7.40 3.18 8.16
N HIS A 40 7.15 3.50 9.43
CA HIS A 40 5.80 3.42 9.93
C HIS A 40 5.68 4.28 11.18
N GLY A 41 4.44 4.48 11.62
CA GLY A 41 4.16 5.30 12.77
C GLY A 41 3.72 4.53 14.00
N TYR A 42 3.78 3.20 13.99
CA TYR A 42 3.38 2.41 15.15
C TYR A 42 4.57 2.26 16.11
N ILE A 43 4.98 3.39 16.68
CA ILE A 43 6.18 3.48 17.51
C ILE A 43 5.88 2.85 18.87
N PRO A 44 6.60 1.80 19.28
CA PRO A 44 6.27 1.14 20.56
C PRO A 44 6.17 2.07 21.75
N SER A 45 7.07 3.04 21.90
CA SER A 45 7.02 3.90 23.08
C SER A 45 5.88 4.91 23.02
N LYS A 46 5.29 5.11 21.84
CA LYS A 46 4.16 6.03 21.68
C LYS A 46 2.82 5.40 22.05
N PHE A 47 2.72 4.08 22.01
CA PHE A 47 1.47 3.35 22.24
C PHE A 47 1.69 2.25 23.26
N PRO A 48 2.03 2.61 24.50
CA PRO A 48 2.47 1.57 25.45
C PRO A 48 1.39 0.55 25.78
N ASN A 49 0.12 0.93 25.76
CA ASN A 49 -0.89 -0.06 26.11
C ASN A 49 -1.14 -1.07 24.99
N LYS A 50 -0.53 -0.89 23.81
CA LYS A 50 -0.74 -1.81 22.71
C LYS A 50 0.30 -2.91 22.64
N ASN A 51 1.28 -2.90 23.55
CA ASN A 51 2.20 -4.04 23.71
C ASN A 51 2.92 -4.37 22.39
N LEU A 52 3.45 -3.35 21.72
CA LEU A 52 4.12 -3.58 20.43
C LEU A 52 5.54 -4.08 20.70
N LYS A 53 5.63 -5.38 20.97
CA LYS A 53 6.84 -6.01 21.45
C LYS A 53 7.52 -6.80 20.33
N LYS A 54 8.85 -6.73 20.28
CA LYS A 54 9.68 -7.55 19.39
C LYS A 54 9.09 -7.47 17.99
N ASN A 55 8.82 -8.59 17.32
CA ASN A 55 8.15 -8.61 16.03
C ASN A 55 6.89 -9.46 16.11
N TYR A 56 6.17 -9.34 17.22
CA TYR A 56 4.98 -10.16 17.43
C TYR A 56 3.76 -9.53 16.78
N CYS A 57 2.92 -10.38 16.17
CA CYS A 57 1.65 -9.93 15.63
C CYS A 57 0.83 -9.26 16.71
N ARG A 58 0.25 -8.10 16.38
CA ARG A 58 -0.56 -7.36 17.35
C ARG A 58 -1.73 -6.71 16.63
N ASN A 59 -2.78 -6.39 17.39
CA ASN A 59 -3.91 -5.63 16.84
C ASN A 59 -4.08 -4.36 17.66
N PRO A 60 -3.26 -3.34 17.38
CA PRO A 60 -3.34 -2.10 18.14
C PRO A 60 -4.45 -1.17 17.70
N ASP A 61 -5.09 -1.44 16.57
CA ASP A 61 -5.86 -0.40 15.91
C ASP A 61 -7.20 -0.89 15.37
N ARG A 62 -7.79 -1.90 16.02
CA ARG A 62 -9.10 -2.43 15.62
C ARG A 62 -9.08 -2.92 14.18
N GLU A 63 -7.97 -3.54 13.80
CA GLU A 63 -7.89 -4.30 12.56
C GLU A 63 -8.77 -5.56 12.68
N LEU A 64 -8.93 -6.27 11.56
CA LEU A 64 -9.75 -7.48 11.57
C LEU A 64 -9.19 -8.53 12.51
N ARG A 65 -7.87 -8.61 12.60
CA ARG A 65 -7.18 -9.51 13.52
C ARG A 65 -5.76 -8.98 13.67
N PRO A 66 -4.96 -9.58 14.57
CA PRO A 66 -3.57 -9.12 14.69
C PRO A 66 -2.80 -9.23 13.38
N TRP A 67 -1.81 -8.36 13.24
CA TRP A 67 -1.07 -8.18 11.99
C TRP A 67 0.32 -7.71 12.32
N CYS A 68 1.16 -7.55 11.29
CA CYS A 68 2.47 -6.93 11.48
C CYS A 68 2.96 -6.38 10.16
N PHE A 69 3.89 -5.45 10.23
CA PHE A 69 4.69 -5.14 9.05
C PHE A 69 5.60 -6.33 8.74
N THR A 70 5.85 -6.56 7.46
CA THR A 70 6.64 -7.72 7.09
C THR A 70 8.05 -7.31 6.64
N THR A 71 8.97 -8.26 6.74
CA THR A 71 10.33 -8.03 6.27
C THR A 71 10.44 -8.14 4.75
N ASP A 72 9.34 -8.40 4.05
CA ASP A 72 9.37 -8.39 2.59
C ASP A 72 9.17 -6.96 2.10
N PRO A 73 10.14 -6.39 1.38
CA PRO A 73 9.99 -5.00 0.90
C PRO A 73 8.78 -4.79 0.00
N ASN A 74 8.28 -5.83 -0.66
CA ASN A 74 7.14 -5.72 -1.54
C ASN A 74 5.82 -5.98 -0.85
N LYS A 75 5.84 -6.21 0.47
CA LYS A 75 4.61 -6.47 1.22
C LYS A 75 4.70 -5.66 2.52
N ARG A 76 4.05 -4.50 2.54
CA ARG A 76 4.21 -3.60 3.69
C ARG A 76 3.72 -4.25 4.97
N TRP A 77 2.53 -4.85 4.93
CA TRP A 77 1.95 -5.44 6.12
C TRP A 77 0.98 -6.54 5.71
N GLU A 78 0.72 -7.46 6.65
CA GLU A 78 -0.21 -8.55 6.41
C GLU A 78 -0.81 -9.01 7.73
N LEU A 79 -2.05 -9.48 7.67
CA LEU A 79 -2.67 -10.11 8.83
C LEU A 79 -1.95 -11.40 9.21
N CYS A 80 -2.02 -11.72 10.50
CA CYS A 80 -1.51 -12.99 11.00
C CYS A 80 -2.64 -13.98 11.20
N ASP A 81 -2.27 -15.25 11.28
CA ASP A 81 -3.22 -16.34 11.46
C ASP A 81 -3.26 -16.66 12.95
N ILE A 82 -4.11 -15.94 13.68
CA ILE A 82 -4.29 -16.18 15.11
C ILE A 82 -5.59 -16.95 15.27
N PRO A 83 -5.57 -18.14 15.85
CA PRO A 83 -6.81 -18.92 15.99
C PRO A 83 -7.76 -18.29 16.98
N ARG A 84 -9.05 -18.57 16.81
CA ARG A 84 -10.04 -18.12 17.77
C ARG A 84 -10.05 -19.08 18.96
N CYS A 85 -10.15 -18.51 20.16
CA CYS A 85 -10.23 -19.30 21.38
C CYS A 85 -11.53 -20.09 21.41
N THR A 86 -11.49 -21.24 22.07
CA THR A 86 -12.68 -22.07 22.18
C THR A 86 -13.14 -22.15 23.62
N GLU B 6 6.73 21.27 -10.53
CA GLU B 6 7.93 21.09 -11.33
C GLU B 6 7.78 19.90 -12.29
N GLU B 7 8.39 20.01 -13.46
CA GLU B 7 8.26 18.99 -14.51
C GLU B 7 9.45 18.04 -14.53
N CYS B 8 9.82 17.53 -13.36
CA CYS B 8 10.89 16.54 -13.25
C CYS B 8 10.67 15.78 -11.95
N MET B 9 11.41 14.69 -11.80
CA MET B 9 11.33 13.87 -10.59
C MET B 9 12.72 13.72 -9.98
N HIS B 10 12.78 13.81 -8.65
CA HIS B 10 14.03 13.59 -7.95
C HIS B 10 14.31 12.11 -7.69
N ALA B 11 13.27 11.27 -7.70
CA ALA B 11 13.43 9.83 -7.49
C ALA B 11 12.66 9.04 -8.53
N SER B 12 11.57 8.37 -8.13
N SER B 12 11.56 8.40 -8.13
CA SER B 12 10.76 7.60 -9.07
CA SER B 12 10.74 7.59 -9.03
C SER B 12 9.39 8.23 -9.31
C SER B 12 9.41 8.25 -9.37
N GLY B 13 9.23 9.52 -9.04
CA GLY B 13 8.01 10.22 -9.37
C GLY B 13 6.89 10.13 -8.36
N GLU B 14 7.15 9.67 -7.14
CA GLU B 14 6.11 9.63 -6.11
C GLU B 14 5.45 10.99 -5.93
N ASN B 15 6.23 12.07 -6.04
CA ASN B 15 5.73 13.42 -5.86
C ASN B 15 5.50 14.15 -7.19
N TYR B 16 5.56 13.44 -8.31
CA TYR B 16 5.35 14.12 -9.59
C TYR B 16 3.92 14.62 -9.70
N ASP B 17 3.76 15.90 -10.00
CA ASP B 17 2.46 16.55 -10.10
C ASP B 17 2.36 17.42 -11.35
N GLY B 18 3.18 17.13 -12.36
CA GLY B 18 3.20 17.90 -13.59
C GLY B 18 2.09 17.48 -14.54
N LYS B 19 2.23 17.94 -15.79
CA LYS B 19 1.16 17.81 -16.77
C LYS B 19 1.53 16.97 -17.99
N ILE B 20 2.58 16.14 -17.90
CA ILE B 20 2.86 15.22 -19.00
C ILE B 20 1.74 14.20 -19.05
N SER B 21 1.18 13.99 -20.24
CA SER B 21 -0.05 13.21 -20.38
C SER B 21 0.05 12.18 -21.49
N LYS B 22 1.26 11.74 -21.81
CA LYS B 22 1.49 10.67 -22.76
C LYS B 22 2.52 9.71 -22.20
N THR B 23 2.44 8.46 -22.64
CA THR B 23 3.35 7.42 -22.16
C THR B 23 4.70 7.47 -22.87
N MET B 24 5.59 6.60 -22.42
CA MET B 24 6.93 6.52 -23.03
C MET B 24 6.87 6.17 -24.51
N SER B 25 5.80 5.50 -24.97
CA SER B 25 5.66 5.17 -26.39
C SER B 25 4.93 6.24 -27.19
N GLY B 26 4.48 7.31 -26.55
CA GLY B 26 3.77 8.36 -27.23
C GLY B 26 2.25 8.27 -27.19
N LEU B 27 1.70 7.26 -26.53
CA LEU B 27 0.24 7.16 -26.43
C LEU B 27 -0.32 8.19 -25.45
N GLU B 28 -1.40 8.85 -25.86
CA GLU B 28 -2.07 9.78 -24.97
C GLU B 28 -2.71 9.02 -23.82
N CYS B 29 -2.56 9.57 -22.61
CA CYS B 29 -3.13 8.93 -21.42
C CYS B 29 -4.64 9.03 -21.38
N GLN B 30 -5.27 7.97 -20.86
CA GLN B 30 -6.68 8.00 -20.46
C GLN B 30 -6.83 8.82 -19.18
N ALA B 31 -7.95 9.56 -19.08
CA ALA B 31 -8.21 10.30 -17.86
C ALA B 31 -8.48 9.35 -16.70
N TRP B 32 -7.93 9.69 -15.52
CA TRP B 32 -8.16 8.87 -14.33
C TRP B 32 -9.64 8.77 -13.99
N ASP B 33 -10.40 9.83 -14.22
CA ASP B 33 -11.83 9.78 -13.90
C ASP B 33 -12.66 9.13 -15.01
N SER B 34 -12.01 8.52 -16.00
CA SER B 34 -12.71 7.78 -17.03
C SER B 34 -12.50 6.29 -16.84
N GLN B 35 -13.54 5.52 -17.17
CA GLN B 35 -13.46 4.06 -17.17
C GLN B 35 -13.42 3.50 -18.58
N SER B 36 -13.12 4.34 -19.57
CA SER B 36 -13.12 3.96 -20.97
C SER B 36 -11.89 4.56 -21.64
N PRO B 37 -11.18 3.77 -22.47
CA PRO B 37 -11.50 2.39 -22.83
C PRO B 37 -11.19 1.35 -21.73
N HIS B 38 -10.46 1.74 -20.69
CA HIS B 38 -10.04 0.77 -19.67
C HIS B 38 -10.76 1.03 -18.36
N ALA B 39 -11.52 0.04 -17.90
CA ALA B 39 -12.06 0.08 -16.55
C ALA B 39 -10.93 -0.18 -15.55
N HIS B 40 -10.96 0.50 -14.41
CA HIS B 40 -9.82 0.39 -13.49
C HIS B 40 -10.26 0.83 -12.09
N GLY B 41 -9.38 0.59 -11.13
CA GLY B 41 -9.69 0.90 -9.74
C GLY B 41 -8.95 2.10 -9.17
N TYR B 42 -8.23 2.86 -9.99
CA TYR B 42 -7.51 4.04 -9.52
C TYR B 42 -8.42 5.27 -9.60
N ILE B 43 -9.48 5.20 -8.80
CA ILE B 43 -10.54 6.20 -8.81
C ILE B 43 -10.06 7.45 -8.07
N PRO B 44 -10.06 8.63 -8.69
CA PRO B 44 -9.56 9.83 -7.98
C PRO B 44 -10.19 10.08 -6.62
N SER B 45 -11.51 9.90 -6.49
CA SER B 45 -12.14 10.16 -5.20
C SER B 45 -11.79 9.09 -4.17
N LYS B 46 -11.35 7.91 -4.63
CA LYS B 46 -10.89 6.84 -3.77
C LYS B 46 -9.50 7.11 -3.22
N PHE B 47 -8.69 7.87 -3.96
CA PHE B 47 -7.31 8.20 -3.61
C PHE B 47 -7.11 9.70 -3.71
N PRO B 48 -7.83 10.47 -2.90
CA PRO B 48 -7.83 11.93 -3.12
C PRO B 48 -6.46 12.56 -2.93
N ASN B 49 -5.61 11.99 -2.09
CA ASN B 49 -4.28 12.55 -1.82
C ASN B 49 -3.25 12.19 -2.88
N LYS B 50 -3.58 11.34 -3.86
CA LYS B 50 -2.61 10.90 -4.85
C LYS B 50 -2.59 11.76 -6.12
N ASN B 51 -3.37 12.84 -6.17
CA ASN B 51 -3.28 13.82 -7.28
C ASN B 51 -3.55 13.18 -8.64
N LEU B 52 -4.57 12.33 -8.71
CA LEU B 52 -4.93 11.68 -9.97
C LEU B 52 -5.81 12.65 -10.76
N LYS B 53 -5.15 13.60 -11.41
CA LYS B 53 -5.84 14.71 -12.07
C LYS B 53 -5.78 14.55 -13.59
N LYS B 54 -6.89 14.91 -14.24
CA LYS B 54 -7.00 14.96 -15.70
C LYS B 54 -6.49 13.62 -16.24
N ASN B 55 -5.59 13.62 -17.20
CA ASN B 55 -4.96 12.42 -17.72
C ASN B 55 -3.44 12.51 -17.59
N TYR B 56 -2.97 13.03 -16.46
CA TYR B 56 -1.55 13.26 -16.23
C TYR B 56 -0.87 12.00 -15.69
N CYS B 57 0.35 11.75 -16.15
CA CYS B 57 1.14 10.66 -15.60
C CYS B 57 1.32 10.83 -14.10
N ARG B 58 1.11 9.75 -13.34
CA ARG B 58 1.26 9.78 -11.89
C ARG B 58 1.89 8.48 -11.41
N ASN B 59 2.51 8.55 -10.22
CA ASN B 59 3.02 7.35 -9.55
C ASN B 59 2.37 7.23 -8.18
N PRO B 60 1.13 6.75 -8.12
CA PRO B 60 0.45 6.64 -6.83
C PRO B 60 0.78 5.39 -6.04
N ASP B 61 1.46 4.40 -6.64
CA ASP B 61 1.49 3.05 -6.07
C ASP B 61 2.91 2.45 -6.05
N ARG B 62 3.93 3.30 -5.93
CA ARG B 62 5.32 2.85 -5.83
C ARG B 62 5.73 2.01 -7.05
N GLU B 63 5.23 2.43 -8.21
CA GLU B 63 5.70 1.89 -9.50
C GLU B 63 7.12 2.38 -9.78
N LEU B 64 7.76 1.80 -10.79
CA LEU B 64 9.13 2.21 -11.12
C LEU B 64 9.18 3.66 -11.59
N ARG B 65 8.12 4.13 -12.26
CA ARG B 65 8.06 5.48 -12.80
C ARG B 65 6.60 5.89 -12.78
N PRO B 66 6.31 7.17 -12.99
CA PRO B 66 4.91 7.56 -13.20
C PRO B 66 4.40 6.86 -14.46
N TRP B 67 3.09 6.64 -14.50
CA TRP B 67 2.47 5.86 -15.55
C TRP B 67 1.04 6.35 -15.74
N CYS B 68 0.35 5.78 -16.74
CA CYS B 68 -1.08 6.04 -16.88
C CYS B 68 -1.71 4.90 -17.66
N PHE B 69 -3.03 4.77 -17.52
CA PHE B 69 -3.78 3.97 -18.48
C PHE B 69 -3.79 4.72 -19.81
N THR B 70 -3.79 3.99 -20.93
CA THR B 70 -3.68 4.64 -22.22
C THR B 70 -5.01 4.67 -22.97
N THR B 71 -5.11 5.62 -23.91
CA THR B 71 -6.30 5.70 -24.74
C THR B 71 -6.34 4.66 -25.84
N ASP B 72 -5.32 3.81 -25.97
CA ASP B 72 -5.37 2.70 -26.92
C ASP B 72 -6.10 1.53 -26.27
N PRO B 73 -7.23 1.09 -26.82
CA PRO B 73 -7.93 -0.06 -26.22
C PRO B 73 -7.06 -1.30 -26.13
N ASN B 74 -6.03 -1.41 -26.97
CA ASN B 74 -5.17 -2.59 -26.94
C ASN B 74 -3.96 -2.44 -26.03
N LYS B 75 -3.83 -1.34 -25.29
CA LYS B 75 -2.69 -1.15 -24.38
C LYS B 75 -3.24 -0.57 -23.08
N ARG B 76 -3.40 -1.43 -22.07
CA ARG B 76 -4.08 -0.99 -20.86
C ARG B 76 -3.32 0.15 -20.16
N TRP B 77 -2.01 -0.03 -19.96
CA TRP B 77 -1.24 0.98 -19.24
C TRP B 77 0.22 0.92 -19.70
N GLU B 78 0.92 2.03 -19.48
CA GLU B 78 2.33 2.09 -19.82
C GLU B 78 3.00 3.12 -18.91
N LEU B 79 4.28 2.89 -18.64
CA LEU B 79 5.09 3.89 -17.95
C LEU B 79 5.24 5.15 -18.81
N CYS B 80 5.42 6.28 -18.14
CA CYS B 80 5.73 7.53 -18.83
C CYS B 80 7.22 7.83 -18.75
N ASP B 81 7.65 8.74 -19.62
CA ASP B 81 9.04 9.22 -19.67
C ASP B 81 9.06 10.62 -19.04
N ILE B 82 9.32 10.67 -17.74
CA ILE B 82 9.37 11.93 -16.99
C ILE B 82 10.82 12.34 -16.80
N PRO B 83 11.20 13.55 -17.16
CA PRO B 83 12.61 13.94 -17.04
C PRO B 83 13.07 13.91 -15.60
N ARG B 84 14.34 13.56 -15.41
CA ARG B 84 14.94 13.59 -14.08
C ARG B 84 15.44 15.00 -13.77
N CYS B 85 15.24 15.42 -12.52
CA CYS B 85 15.70 16.74 -12.10
C CYS B 85 17.23 16.81 -12.15
N THR C 16 -5.86 12.42 19.62
CA THR C 16 -5.66 11.42 20.67
C THR C 16 -4.91 10.21 20.13
N ALA C 17 -4.46 9.34 21.03
CA ALA C 17 -3.75 8.13 20.59
C ALA C 17 -4.67 7.21 19.81
N ASP C 18 -5.95 7.12 20.20
CA ASP C 18 -6.87 6.27 19.47
C ASP C 18 -7.12 6.79 18.06
N ALA C 19 -7.21 8.12 17.90
CA ALA C 19 -7.42 8.69 16.58
C ALA C 19 -6.17 8.60 15.72
N GLU C 20 -4.98 8.71 16.31
CA GLU C 20 -3.77 8.50 15.53
C GLU C 20 -3.69 7.07 15.03
N LEU C 21 -4.09 6.09 15.85
CA LEU C 21 -4.08 4.71 15.40
C LEU C 21 -5.09 4.47 14.29
N GLN C 22 -6.27 5.09 14.37
CA GLN C 22 -7.23 4.93 13.28
C GLN C 22 -6.72 5.55 12.00
N ARG C 23 -6.06 6.71 12.09
CA ARG C 23 -5.45 7.31 10.92
C ARG C 23 -4.40 6.39 10.32
N LEU C 24 -3.57 5.77 11.18
CA LEU C 24 -2.55 4.86 10.68
C LEU C 24 -3.18 3.64 10.01
N LYS C 25 -4.30 3.15 10.55
CA LYS C 25 -4.97 1.99 9.95
C LYS C 25 -5.50 2.34 8.56
N ASN C 26 -6.17 3.49 8.43
CA ASN C 26 -6.69 3.89 7.13
C ASN C 26 -5.57 4.03 6.10
N GLU C 27 -4.44 4.59 6.51
CA GLU C 27 -3.30 4.71 5.61
C GLU C 27 -2.78 3.34 5.20
N ARG C 28 -2.70 2.39 6.14
CA ARG C 28 -2.34 1.01 5.80
C ARG C 28 -3.27 0.44 4.74
N HIS C 29 -4.58 0.65 4.92
CA HIS C 29 -5.53 0.09 3.97
C HIS C 29 -5.37 0.73 2.59
N GLU C 30 -5.17 2.04 2.53
CA GLU C 30 -4.96 2.71 1.25
C GLU C 30 -3.73 2.16 0.54
N GLU C 31 -2.62 2.07 1.28
CA GLU C 31 -1.39 1.57 0.67
C GLU C 31 -1.54 0.12 0.23
N ALA C 32 -2.26 -0.70 0.99
CA ALA C 32 -2.44 -2.10 0.60
C ALA C 32 -3.27 -2.22 -0.68
N GLU C 33 -4.27 -1.36 -0.84
CA GLU C 33 -5.06 -1.42 -2.08
C GLU C 33 -4.23 -0.99 -3.28
N LEU C 34 -3.39 0.03 -3.10
CA LEU C 34 -2.52 0.44 -4.20
C LEU C 34 -1.51 -0.66 -4.57
N GLU C 35 -0.94 -1.35 -3.56
CA GLU C 35 -0.13 -2.55 -3.80
C GLU C 35 -0.89 -3.57 -4.63
N ARG C 36 -2.13 -3.84 -4.23
CA ARG C 36 -2.95 -4.84 -4.91
C ARG C 36 -3.21 -4.41 -6.35
N LEU C 37 -3.55 -3.14 -6.53
CA LEU C 37 -3.86 -2.67 -7.88
C LEU C 37 -2.62 -2.72 -8.78
N LYS C 38 -1.45 -2.42 -8.22
CA LYS C 38 -0.22 -2.51 -9.01
C LYS C 38 0.05 -3.93 -9.44
N SER C 39 -0.06 -4.88 -8.50
CA SER C 39 0.16 -6.28 -8.86
C SER C 39 -0.82 -6.71 -9.93
N GLU C 40 -2.06 -6.24 -9.84
CA GLU C 40 -3.09 -6.55 -10.83
C GLU C 40 -2.72 -6.03 -12.21
N ARG C 41 -2.15 -4.82 -12.28
CA ARG C 41 -1.72 -4.28 -13.56
C ARG C 41 -0.66 -5.17 -14.20
N HIS C 42 0.28 -5.66 -13.40
CA HIS C 42 1.33 -6.49 -13.95
C HIS C 42 0.81 -7.87 -14.32
N ASP C 43 -0.10 -8.43 -13.51
CA ASP C 43 -0.71 -9.70 -13.88
C ASP C 43 -1.50 -9.58 -15.18
N HIS C 44 -2.19 -8.46 -15.38
CA HIS C 44 -2.91 -8.25 -16.64
C HIS C 44 -1.93 -8.32 -17.82
N ASP C 45 -0.80 -7.63 -17.70
CA ASP C 45 0.17 -7.61 -18.79
C ASP C 45 0.67 -9.00 -19.12
N LYS C 46 0.99 -9.80 -18.10
CA LYS C 46 1.50 -11.15 -18.34
C LYS C 46 0.43 -12.03 -18.99
N LYS C 47 -0.81 -11.95 -18.50
CA LYS C 47 -1.89 -12.72 -19.12
C LYS C 47 -2.11 -12.29 -20.55
N GLU C 48 -2.07 -10.98 -20.81
CA GLU C 48 -2.37 -10.47 -22.15
C GLU C 48 -1.28 -10.84 -23.13
N ALA C 49 -0.03 -10.68 -22.74
CA ALA C 49 1.11 -11.06 -23.59
C ALA C 49 1.09 -12.55 -23.92
#